data_6RO8
#
_entry.id   6RO8
#
_cell.length_a   109.9
_cell.length_b   109.9
_cell.length_c   164.2
_cell.angle_alpha   90
_cell.angle_beta   90
_cell.angle_gamma   90
#
_symmetry.space_group_name_H-M   'P 41 21 2'
#
loop_
_entity.id
_entity.type
_entity.pdbx_description
1 polymer 'Cytochrome P450 RhF'
2 non-polymer 'PROTOPORPHYRIN IX CONTAINING FE'
3 non-polymer HISTIDINE
4 water water
#
_entity_poly.entity_id   1
_entity_poly.type   'polypeptide(L)'
_entity_poly.pdbx_seq_one_letter_code
;MHHHHHHMNVKVPMHGQCSFHAELQQKGKNFDMFAVPYQQDPALALKEFRAQLPIFFSEAMGYWIVTRYEDVKAIFRDPI
TFSACNALEKLTPSCPEALKILEKYKYGMNRTLVNEDEPVHMERRRALMDAFTPQNLEEHQHFVRELVRKKVDGFIYKGR
ADLVQEMLWEIPLMVALHFLGVPEDDMQELRKFAVAHTVNTWGRPTLEQQLEVAEGVGQFWEYSGRVLEKMKNNPEGKGW
MYDMIAKNRVMPEVVTDNYLHSMMMAIMVAAHETTALASANALKLLLADRKVWKKICDNPQLIPGAVEECLRHSGSVVAW
RRQVTTESEVSGVKFRKGDKLFLVSASANHDELHFENADELDIYRDNAIEHLTFGYGAHQCMGKNIGRMEMCIFIEELSR
RIPDLKLCEQEFTYLANTSFRGPEALWTEWQAQPEQTARQITSFPIGAP
;
_entity_poly.pdbx_strand_id   A
#
loop_
_chem_comp.id
_chem_comp.type
_chem_comp.name
_chem_comp.formula
HEM non-polymer 'PROTOPORPHYRIN IX CONTAINING FE' 'C34 H32 Fe N4 O4'
#
# COMPACT_ATOMS: atom_id res chain seq x y z
N SER A 19 -9.02 32.90 -17.62
CA SER A 19 -9.50 32.40 -16.35
C SER A 19 -9.39 30.90 -16.41
N PHE A 20 -8.59 30.40 -17.35
CA PHE A 20 -8.30 28.97 -17.36
C PHE A 20 -7.58 28.58 -16.08
N HIS A 21 -6.62 29.41 -15.65
CA HIS A 21 -5.97 29.20 -14.35
C HIS A 21 -6.95 29.43 -13.21
N ALA A 22 -7.76 30.48 -13.30
CA ALA A 22 -8.83 30.66 -12.34
C ALA A 22 -9.66 29.38 -12.22
N GLU A 23 -9.98 28.76 -13.37
CA GLU A 23 -10.77 27.53 -13.31
C GLU A 23 -9.99 26.45 -12.59
N LEU A 24 -8.68 26.36 -12.84
CA LEU A 24 -7.86 25.36 -12.16
C LEU A 24 -7.89 25.55 -10.65
N GLN A 25 -7.87 26.79 -10.18
CA GLN A 25 -7.89 27.01 -8.75
C GLN A 25 -9.20 26.55 -8.15
N GLN A 26 -10.32 26.83 -8.81
CA GLN A 26 -11.59 26.30 -8.35
C GLN A 26 -11.61 24.77 -8.38
N LYS A 27 -11.09 24.16 -9.45
CA LYS A 27 -11.06 22.71 -9.51
C LYS A 27 -10.24 22.16 -8.35
N GLY A 28 -9.14 22.83 -8.02
CA GLY A 28 -8.31 22.40 -6.91
C GLY A 28 -8.99 22.57 -5.57
N LYS A 29 -9.63 23.73 -5.37
CA LYS A 29 -10.44 23.92 -4.17
C LYS A 29 -11.45 22.80 -4.01
N ASN A 30 -12.05 22.36 -5.11
CA ASN A 30 -13.08 21.33 -5.06
C ASN A 30 -12.54 19.92 -5.22
N PHE A 31 -11.23 19.73 -5.16
CA PHE A 31 -10.70 18.46 -5.62
C PHE A 31 -11.11 17.35 -4.67
N ASP A 32 -11.90 16.41 -5.19
CA ASP A 32 -12.40 15.27 -4.43
C ASP A 32 -11.79 13.98 -4.94
N MET A 33 -11.01 13.31 -4.09
CA MET A 33 -10.41 12.04 -4.49
C MET A 33 -11.45 10.94 -4.72
N PHE A 34 -12.66 11.08 -4.20
CA PHE A 34 -13.68 10.07 -4.45
C PHE A 34 -14.51 10.37 -5.71
N ALA A 35 -14.22 11.46 -6.39
CA ALA A 35 -14.90 11.73 -7.66
C ALA A 35 -14.30 10.85 -8.76
N VAL A 36 -15.00 10.84 -9.90
CA VAL A 36 -14.66 9.89 -10.96
C VAL A 36 -13.23 10.02 -11.49
N PRO A 37 -12.74 11.25 -11.76
CA PRO A 37 -11.40 11.31 -12.40
C PRO A 37 -10.30 10.70 -11.56
N TYR A 38 -10.16 11.09 -10.29
CA TYR A 38 -9.17 10.46 -9.42
C TYR A 38 -9.34 8.94 -9.42
N GLN A 39 -10.55 8.47 -9.17
CA GLN A 39 -10.85 7.04 -9.10
C GLN A 39 -10.61 6.33 -10.43
N GLN A 40 -10.68 7.02 -11.56
CA GLN A 40 -10.34 6.40 -12.83
C GLN A 40 -8.83 6.30 -13.02
N ASP A 41 -8.11 7.35 -12.64
CA ASP A 41 -6.68 7.51 -12.90
C ASP A 41 -6.13 8.63 -12.03
N PRO A 42 -5.53 8.33 -10.87
CA PRO A 42 -5.08 9.42 -9.96
C PRO A 42 -4.03 10.32 -10.58
N ALA A 43 -3.02 9.77 -11.27
CA ALA A 43 -2.01 10.63 -11.88
C ALA A 43 -2.59 11.47 -12.99
N LEU A 44 -3.53 10.92 -13.77
CA LEU A 44 -4.10 11.70 -14.85
C LEU A 44 -4.96 12.84 -14.31
N ALA A 45 -5.68 12.59 -13.22
CA ALA A 45 -6.54 13.60 -12.62
C ALA A 45 -5.73 14.80 -12.11
N LEU A 46 -4.45 14.61 -11.82
CA LEU A 46 -3.61 15.69 -11.30
C LEU A 46 -2.68 16.25 -12.36
N LYS A 47 -2.87 15.85 -13.61
CA LYS A 47 -1.95 16.26 -14.66
C LYS A 47 -1.93 17.78 -14.85
N GLU A 48 -3.11 18.41 -15.02
CA GLU A 48 -3.14 19.87 -15.13
C GLU A 48 -2.45 20.52 -13.94
N PHE A 49 -2.64 19.95 -12.76
CA PHE A 49 -2.06 20.54 -11.54
C PHE A 49 -0.55 20.40 -11.52
N ARG A 50 -0.01 19.24 -11.93
CA ARG A 50 1.44 19.16 -12.10
C ARG A 50 1.94 20.30 -12.98
N ALA A 51 1.15 20.66 -13.98
CA ALA A 51 1.58 21.65 -14.96
C ALA A 51 1.52 23.07 -14.40
N GLN A 52 0.38 23.48 -13.83
CA GLN A 52 0.14 24.88 -13.52
C GLN A 52 -0.32 25.18 -12.09
N LEU A 53 -0.38 24.19 -11.20
CA LEU A 53 -0.84 24.43 -9.83
C LEU A 53 -0.38 23.29 -8.93
N PRO A 54 0.94 23.10 -8.81
CA PRO A 54 1.48 21.83 -8.30
C PRO A 54 1.12 21.52 -6.87
N ILE A 55 0.99 22.53 -6.03
CA ILE A 55 0.58 22.38 -4.65
C ILE A 55 -0.66 23.24 -4.45
N PHE A 56 -1.73 22.64 -3.96
CA PHE A 56 -2.96 23.39 -3.74
C PHE A 56 -3.69 22.78 -2.57
N PHE A 57 -4.56 23.57 -1.96
CA PHE A 57 -5.36 23.09 -0.84
C PHE A 57 -6.75 22.72 -1.32
N SER A 58 -7.17 21.49 -1.02
CA SER A 58 -8.52 21.04 -1.34
C SER A 58 -9.40 21.21 -0.10
N GLU A 59 -10.39 22.09 -0.21
CA GLU A 59 -11.41 22.18 0.83
C GLU A 59 -12.33 20.97 0.83
N ALA A 60 -12.46 20.31 -0.33
CA ALA A 60 -13.29 19.12 -0.39
C ALA A 60 -12.81 18.08 0.61
N MET A 61 -11.51 18.03 0.88
CA MET A 61 -11.05 17.00 1.81
C MET A 61 -10.08 17.50 2.86
N GLY A 62 -9.98 18.82 3.07
CA GLY A 62 -9.23 19.35 4.18
C GLY A 62 -7.74 19.09 4.13
N TYR A 63 -7.17 18.86 2.95
CA TYR A 63 -5.79 18.43 2.82
C TYR A 63 -5.09 19.28 1.78
N TRP A 64 -3.83 19.58 2.02
CA TRP A 64 -3.01 20.07 0.91
C TRP A 64 -2.76 18.90 -0.05
N ILE A 65 -2.73 19.22 -1.34
CA ILE A 65 -2.43 18.23 -2.36
C ILE A 65 -1.07 18.57 -2.98
N VAL A 66 -0.19 17.59 -3.03
CA VAL A 66 1.18 17.75 -3.50
C VAL A 66 1.36 16.80 -4.69
N THR A 67 1.59 17.37 -5.87
CA THR A 67 1.48 16.62 -7.12
C THR A 67 2.81 16.34 -7.81
N ARG A 68 3.88 17.06 -7.48
CA ARG A 68 5.14 16.98 -8.21
C ARG A 68 6.17 16.10 -7.52
N TYR A 69 7.09 15.56 -8.33
CA TYR A 69 8.07 14.59 -7.82
C TYR A 69 9.00 15.23 -6.79
N GLU A 70 9.57 16.40 -7.10
CA GLU A 70 10.52 16.99 -6.16
C GLU A 70 9.85 17.41 -4.85
N ASP A 71 8.63 17.98 -4.92
CA ASP A 71 7.94 18.36 -3.68
C ASP A 71 7.66 17.14 -2.81
N VAL A 72 7.07 16.08 -3.41
CA VAL A 72 6.72 14.89 -2.64
C VAL A 72 7.98 14.30 -2.00
N LYS A 73 9.08 14.22 -2.76
CA LYS A 73 10.31 13.72 -2.19
C LYS A 73 10.79 14.63 -1.06
N ALA A 74 10.73 15.94 -1.26
CA ALA A 74 11.23 16.86 -0.25
C ALA A 74 10.49 16.66 1.08
N ILE A 75 9.17 16.54 1.02
CA ILE A 75 8.38 16.32 2.23
C ILE A 75 8.72 14.98 2.88
N PHE A 76 8.92 13.93 2.08
CA PHE A 76 9.33 12.64 2.65
C PHE A 76 10.66 12.76 3.37
N ARG A 77 11.57 13.59 2.85
CA ARG A 77 12.94 13.66 3.36
C ARG A 77 13.04 14.31 4.74
N ASP A 78 12.05 15.10 5.15
CA ASP A 78 12.08 15.84 6.41
C ASP A 78 10.93 15.35 7.30
N PRO A 79 11.18 14.36 8.16
CA PRO A 79 10.12 13.84 9.02
C PRO A 79 9.98 14.57 10.35
N ILE A 80 10.83 15.56 10.62
CA ILE A 80 10.58 16.37 11.81
C ILE A 80 9.54 17.45 11.49
N THR A 81 9.73 18.19 10.40
CA THR A 81 8.70 19.14 9.96
C THR A 81 7.43 18.43 9.54
N PHE A 82 7.54 17.44 8.65
CA PHE A 82 6.39 16.73 8.11
C PHE A 82 6.37 15.33 8.73
N SER A 83 5.50 15.16 9.70
CA SER A 83 5.49 13.93 10.47
C SER A 83 4.43 12.96 9.97
N ALA A 84 4.67 11.69 10.25
CA ALA A 84 3.85 10.59 9.79
C ALA A 84 2.66 10.31 10.69
N CYS A 85 2.42 11.16 11.71
CA CYS A 85 1.44 10.83 12.74
C CYS A 85 0.06 10.55 12.16
N ASN A 86 -0.32 11.25 11.11
CA ASN A 86 -1.61 11.04 10.49
C ASN A 86 -1.62 9.92 9.45
N ALA A 87 -0.51 9.19 9.26
CA ALA A 87 -0.46 8.23 8.14
C ALA A 87 -1.53 7.14 8.26
N LEU A 88 -1.97 6.81 9.48
CA LEU A 88 -3.02 5.82 9.67
C LEU A 88 -4.28 6.41 10.29
N GLU A 89 -4.36 7.75 10.29
CA GLU A 89 -5.50 8.45 10.84
C GLU A 89 -6.74 8.27 9.98
N LYS A 90 -7.90 8.20 10.63
CA LYS A 90 -9.12 7.95 9.88
C LYS A 90 -9.50 9.19 9.09
N LEU A 91 -9.72 9.01 7.79
CA LEU A 91 -9.86 10.17 6.91
C LEU A 91 -11.09 10.98 7.27
N THR A 92 -12.26 10.35 7.25
CA THR A 92 -13.47 11.10 7.58
C THR A 92 -13.90 10.78 9.02
N PRO A 93 -14.34 11.79 9.78
CA PRO A 93 -14.65 11.55 11.20
C PRO A 93 -15.67 10.44 11.39
N SER A 94 -15.50 9.72 12.49
CA SER A 94 -16.39 8.62 12.79
C SER A 94 -17.71 9.17 13.32
N CYS A 95 -18.81 8.61 12.85
CA CYS A 95 -20.09 9.00 13.42
C CYS A 95 -20.17 8.47 14.86
N PRO A 96 -20.85 9.19 15.75
CA PRO A 96 -20.73 8.90 17.19
C PRO A 96 -21.08 7.48 17.59
N GLU A 97 -22.01 6.85 16.88
CA GLU A 97 -22.36 5.47 17.21
C GLU A 97 -21.26 4.51 16.76
N ALA A 98 -20.47 4.88 15.76
CA ALA A 98 -19.28 4.08 15.46
C ALA A 98 -18.25 4.20 16.58
N LEU A 99 -18.14 5.38 17.19
CA LEU A 99 -17.11 5.61 18.18
C LEU A 99 -17.32 4.70 19.39
N LYS A 100 -18.57 4.36 19.70
CA LYS A 100 -18.80 3.50 20.85
C LYS A 100 -18.81 2.03 20.51
N ILE A 101 -19.01 1.67 19.24
CA ILE A 101 -18.73 0.30 18.86
C ILE A 101 -17.27 0.02 19.16
N LEU A 102 -16.40 0.95 18.74
CA LEU A 102 -14.97 0.86 19.04
C LEU A 102 -14.71 0.86 20.54
N GLU A 103 -15.43 1.71 21.29
CA GLU A 103 -15.28 1.71 22.74
C GLU A 103 -15.61 0.35 23.34
N LYS A 104 -16.63 -0.32 22.80
CA LYS A 104 -16.98 -1.65 23.27
C LYS A 104 -15.80 -2.60 23.15
N TYR A 105 -15.05 -2.50 22.05
CA TYR A 105 -13.86 -3.33 21.85
C TYR A 105 -12.62 -2.72 22.49
N LYS A 106 -12.76 -1.65 23.28
CA LYS A 106 -11.63 -0.90 23.83
C LYS A 106 -10.54 -0.73 22.79
N TYR A 107 -10.93 -0.23 21.62
CA TYR A 107 -10.01 -0.08 20.50
C TYR A 107 -8.93 0.92 20.83
N GLY A 108 -7.67 0.53 20.64
CA GLY A 108 -6.59 1.36 21.13
C GLY A 108 -5.46 1.55 20.14
N MET A 109 -5.80 1.62 18.86
CA MET A 109 -4.79 1.75 17.83
C MET A 109 -4.09 3.09 17.96
N ASN A 110 -2.75 3.08 18.14
CA ASN A 110 -1.98 4.30 18.23
C ASN A 110 -0.82 4.18 17.28
N ARG A 111 0.42 4.37 17.73
CA ARG A 111 1.57 4.38 16.85
C ARG A 111 2.12 2.99 16.59
N THR A 112 2.47 2.74 15.33
CA THR A 112 3.20 1.54 14.94
C THR A 112 4.59 1.95 14.51
N LEU A 113 4.96 1.63 13.27
CA LEU A 113 6.17 2.16 12.67
C LEU A 113 5.87 3.26 11.67
N VAL A 114 4.90 3.03 10.77
CA VAL A 114 4.73 3.91 9.63
C VAL A 114 4.22 5.27 10.06
N ASN A 115 3.53 5.33 11.19
CA ASN A 115 2.97 6.57 11.72
C ASN A 115 3.61 6.98 13.03
N GLU A 116 4.72 6.35 13.42
CA GLU A 116 5.44 6.81 14.59
C GLU A 116 6.34 7.97 14.21
N ASP A 117 6.54 8.86 15.15
CA ASP A 117 6.91 10.21 14.78
C ASP A 117 8.36 10.56 15.02
N GLU A 118 9.05 9.79 15.80
CA GLU A 118 9.87 10.50 16.75
C GLU A 118 11.26 10.85 16.25
N PRO A 119 12.02 11.59 17.05
CA PRO A 119 13.45 11.28 17.18
C PRO A 119 13.58 9.83 17.65
N VAL A 120 14.48 9.12 16.97
CA VAL A 120 14.66 7.67 17.03
C VAL A 120 13.51 6.79 17.54
N HIS A 121 12.56 7.26 18.36
CA HIS A 121 11.56 6.29 18.81
C HIS A 121 10.96 5.58 17.61
N MET A 122 10.81 6.34 16.53
CA MET A 122 10.62 5.78 15.21
C MET A 122 11.87 4.99 14.76
N GLU A 123 13.04 5.63 14.76
CA GLU A 123 14.25 4.93 14.31
C GLU A 123 14.75 3.89 15.32
N ARG A 124 14.77 4.22 16.61
CA ARG A 124 15.10 3.23 17.64
C ARG A 124 14.28 1.97 17.45
N ARG A 125 12.97 2.11 17.26
CA ARG A 125 12.11 0.95 17.02
C ARG A 125 12.44 0.28 15.69
N ARG A 126 12.60 1.07 14.64
CA ARG A 126 12.99 0.50 13.35
C ARG A 126 14.38 -0.12 13.44
N ALA A 127 15.38 0.67 13.84
CA ALA A 127 16.77 0.20 13.85
C ALA A 127 16.92 -1.09 14.63
N LEU A 128 16.05 -1.31 15.62
CA LEU A 128 16.16 -2.51 16.44
C LEU A 128 15.17 -3.59 16.02
N MET A 129 14.77 -3.63 14.72
CA MET A 129 13.89 -4.76 14.36
C MET A 129 14.09 -5.22 12.92
N ASP A 130 15.19 -5.96 12.66
CA ASP A 130 15.51 -6.44 11.33
C ASP A 130 15.73 -7.96 11.29
N ALA A 131 14.71 -8.67 10.79
CA ALA A 131 14.84 -9.97 10.15
C ALA A 131 14.37 -9.86 8.70
N PHE A 132 14.65 -8.72 8.10
CA PHE A 132 14.62 -8.57 6.67
C PHE A 132 15.94 -8.96 6.03
N THR A 133 16.83 -9.62 6.79
CA THR A 133 18.09 -10.10 6.22
C THR A 133 17.82 -10.83 4.90
N PRO A 134 18.77 -10.83 3.97
CA PRO A 134 18.52 -11.53 2.70
C PRO A 134 18.40 -13.03 2.89
N GLN A 135 19.14 -13.61 3.85
CA GLN A 135 18.95 -15.01 4.18
C GLN A 135 17.49 -15.29 4.52
N ASN A 136 16.91 -14.48 5.40
CA ASN A 136 15.55 -14.75 5.83
C ASN A 136 14.57 -14.52 4.68
N LEU A 137 14.81 -13.50 3.87
CA LEU A 137 13.97 -13.28 2.71
C LEU A 137 14.20 -14.35 1.65
N GLU A 138 15.42 -14.89 1.58
CA GLU A 138 15.71 -15.94 0.61
C GLU A 138 14.83 -17.16 0.83
N GLU A 139 14.65 -17.56 2.10
CA GLU A 139 13.88 -18.78 2.34
C GLU A 139 12.40 -18.51 2.16
N HIS A 140 11.96 -17.29 2.45
CA HIS A 140 10.59 -16.94 2.15
C HIS A 140 10.32 -16.95 0.65
N GLN A 141 11.33 -16.58 -0.14
CA GLN A 141 11.20 -16.65 -1.59
C GLN A 141 10.91 -18.06 -2.08
N HIS A 142 11.67 -19.05 -1.58
CA HIS A 142 11.37 -20.44 -1.87
C HIS A 142 9.92 -20.74 -1.59
N PHE A 143 9.40 -20.22 -0.47
CA PHE A 143 8.04 -20.52 -0.05
C PHE A 143 7.03 -19.90 -1.01
N VAL A 144 7.27 -18.65 -1.41
CA VAL A 144 6.44 -18.01 -2.43
C VAL A 144 6.42 -18.85 -3.70
N ARG A 145 7.58 -19.36 -4.13
CA ARG A 145 7.61 -20.07 -5.40
C ARG A 145 6.83 -21.37 -5.34
N GLU A 146 6.87 -22.08 -4.21
CA GLU A 146 6.05 -23.28 -4.07
C GLU A 146 4.58 -22.94 -4.17
N LEU A 147 4.16 -21.84 -3.52
CA LEU A 147 2.75 -21.48 -3.51
C LEU A 147 2.26 -21.18 -4.92
N VAL A 148 3.01 -20.36 -5.65
CA VAL A 148 2.57 -19.95 -6.98
C VAL A 148 2.57 -21.13 -7.94
N ARG A 149 3.52 -22.05 -7.78
CA ARG A 149 3.54 -23.24 -8.64
C ARG A 149 2.28 -24.06 -8.43
N LYS A 150 1.85 -24.22 -7.16
CA LYS A 150 0.71 -25.08 -6.90
C LYS A 150 -0.60 -24.39 -7.23
N LYS A 151 -0.69 -23.09 -6.99
CA LYS A 151 -1.92 -22.39 -7.31
C LYS A 151 -2.21 -22.46 -8.81
N VAL A 152 -1.22 -22.16 -9.64
CA VAL A 152 -1.47 -22.26 -11.07
C VAL A 152 -1.54 -23.72 -11.52
N ASP A 153 -0.94 -24.64 -10.75
CA ASP A 153 -1.21 -26.04 -11.03
C ASP A 153 -2.72 -26.29 -10.97
N GLY A 154 -3.41 -25.55 -10.12
CA GLY A 154 -4.83 -25.78 -9.92
C GLY A 154 -5.68 -25.25 -11.04
N PHE A 155 -5.34 -24.09 -11.59
CA PHE A 155 -6.23 -23.45 -12.54
C PHE A 155 -5.72 -23.46 -13.96
N ILE A 156 -4.48 -23.90 -14.21
CA ILE A 156 -3.92 -23.85 -15.54
C ILE A 156 -4.81 -24.59 -16.54
N TYR A 157 -5.53 -25.61 -16.08
CA TYR A 157 -6.36 -26.40 -16.98
C TYR A 157 -7.56 -25.61 -17.50
N LYS A 158 -8.03 -24.61 -16.76
CA LYS A 158 -9.21 -23.85 -17.21
C LYS A 158 -8.87 -23.01 -18.43
N GLY A 159 -9.91 -22.68 -19.20
CA GLY A 159 -9.74 -21.69 -20.26
C GLY A 159 -9.48 -20.28 -19.75
N ARG A 160 -10.16 -19.89 -18.66
CA ARG A 160 -10.10 -18.55 -18.13
C ARG A 160 -10.02 -18.65 -16.61
N ALA A 161 -9.76 -17.50 -15.98
CA ALA A 161 -9.72 -17.42 -14.52
C ALA A 161 -9.66 -15.95 -14.16
N ASP A 162 -10.02 -15.65 -12.91
CA ASP A 162 -9.82 -14.33 -12.34
C ASP A 162 -8.62 -14.50 -11.42
N LEU A 163 -7.45 -14.03 -11.88
CA LEU A 163 -6.22 -14.25 -11.13
C LEU A 163 -6.33 -13.73 -9.71
N VAL A 164 -7.11 -12.67 -9.49
CA VAL A 164 -7.27 -12.16 -8.13
C VAL A 164 -7.77 -13.26 -7.21
N GLN A 165 -8.87 -13.90 -7.60
CA GLN A 165 -9.47 -14.94 -6.78
C GLN A 165 -8.68 -16.24 -6.80
N GLU A 166 -7.92 -16.53 -7.86
CA GLU A 166 -7.15 -17.76 -7.85
C GLU A 166 -5.92 -17.67 -6.97
N MET A 167 -5.22 -16.53 -6.99
CA MET A 167 -3.93 -16.52 -6.31
C MET A 167 -3.54 -15.13 -5.77
N LEU A 168 -4.03 -14.06 -6.40
CA LEU A 168 -3.35 -12.77 -6.23
C LEU A 168 -3.57 -12.18 -4.84
N TRP A 169 -4.71 -12.43 -4.18
CA TRP A 169 -4.80 -12.00 -2.78
C TRP A 169 -4.43 -13.10 -1.79
N GLU A 170 -4.67 -14.35 -2.14
CA GLU A 170 -4.51 -15.42 -1.16
C GLU A 170 -3.03 -15.69 -0.87
N ILE A 171 -2.18 -15.67 -1.90
CA ILE A 171 -0.77 -16.01 -1.70
C ILE A 171 -0.07 -14.91 -0.90
N PRO A 172 -0.16 -13.62 -1.27
CA PRO A 172 0.47 -12.59 -0.43
C PRO A 172 0.02 -12.66 1.01
N LEU A 173 -1.27 -12.93 1.24
CA LEU A 173 -1.78 -13.13 2.59
C LEU A 173 -1.03 -14.25 3.30
N MET A 174 -0.99 -15.43 2.68
CA MET A 174 -0.29 -16.56 3.29
C MET A 174 1.17 -16.26 3.56
N VAL A 175 1.86 -15.66 2.59
CA VAL A 175 3.25 -15.28 2.78
C VAL A 175 3.38 -14.38 4.00
N ALA A 176 2.48 -13.38 4.10
CA ALA A 176 2.51 -12.44 5.23
C ALA A 176 2.39 -13.16 6.56
N LEU A 177 1.29 -13.91 6.74
CA LEU A 177 1.12 -14.72 7.94
C LEU A 177 2.39 -15.48 8.26
N HIS A 178 3.01 -16.09 7.25
CA HIS A 178 4.20 -16.89 7.48
C HIS A 178 5.41 -16.03 7.85
N PHE A 179 5.57 -14.88 7.18
CA PHE A 179 6.63 -13.96 7.57
C PHE A 179 6.46 -13.48 9.00
N LEU A 180 5.25 -13.03 9.35
CA LEU A 180 4.94 -12.79 10.75
C LEU A 180 4.86 -14.12 11.46
N GLY A 181 4.70 -14.10 12.75
CA GLY A 181 4.61 -15.45 13.32
C GLY A 181 3.18 -15.92 13.52
N VAL A 182 2.31 -15.62 12.58
CA VAL A 182 0.86 -15.57 12.83
C VAL A 182 0.21 -16.79 12.20
N PRO A 183 -0.50 -17.61 12.97
CA PRO A 183 -1.07 -18.86 12.43
C PRO A 183 -2.24 -18.59 11.50
N GLU A 184 -2.18 -19.16 10.31
CA GLU A 184 -3.29 -19.08 9.37
C GLU A 184 -4.56 -19.57 10.04
N ASP A 185 -5.66 -18.88 9.80
CA ASP A 185 -6.96 -19.52 9.94
C ASP A 185 -7.88 -18.97 8.88
N ASP A 186 -9.12 -18.62 9.23
CA ASP A 186 -10.09 -18.19 8.23
C ASP A 186 -9.53 -17.04 7.41
N MET A 187 -9.25 -17.30 6.12
CA MET A 187 -8.62 -16.30 5.29
C MET A 187 -9.63 -15.36 4.68
N GLN A 188 -10.85 -15.84 4.42
CA GLN A 188 -11.90 -14.90 4.04
C GLN A 188 -12.22 -13.96 5.19
N GLU A 189 -12.11 -14.44 6.43
CA GLU A 189 -12.31 -13.58 7.58
C GLU A 189 -11.16 -12.60 7.74
N LEU A 190 -9.93 -13.08 7.59
CA LEU A 190 -8.79 -12.17 7.58
C LEU A 190 -8.94 -11.14 6.48
N ARG A 191 -9.48 -11.57 5.34
CA ARG A 191 -9.65 -10.65 4.22
C ARG A 191 -10.61 -9.53 4.57
N LYS A 192 -11.78 -9.85 5.12
CA LYS A 192 -12.71 -8.75 5.35
C LYS A 192 -12.24 -7.86 6.50
N PHE A 193 -11.49 -8.42 7.45
CA PHE A 193 -10.77 -7.60 8.42
C PHE A 193 -9.96 -6.51 7.71
N ALA A 194 -9.25 -6.89 6.64
CA ALA A 194 -8.41 -5.91 5.94
C ALA A 194 -9.26 -4.88 5.21
N VAL A 195 -10.37 -5.30 4.62
CA VAL A 195 -11.28 -4.35 3.98
C VAL A 195 -11.78 -3.34 5.01
N ALA A 196 -12.22 -3.84 6.17
CA ALA A 196 -12.77 -2.95 7.18
C ALA A 196 -11.73 -1.95 7.63
N HIS A 197 -10.48 -2.39 7.78
CA HIS A 197 -9.45 -1.47 8.21
C HIS A 197 -9.14 -0.41 7.14
N THR A 198 -9.14 -0.79 5.86
CA THR A 198 -8.76 0.20 4.85
C THR A 198 -9.90 1.15 4.52
N VAL A 199 -11.10 0.62 4.30
CA VAL A 199 -12.28 1.47 4.09
C VAL A 199 -12.48 2.44 5.26
N ASN A 200 -12.36 1.93 6.48
CA ASN A 200 -12.48 2.81 7.65
C ASN A 200 -11.46 3.94 7.59
N THR A 201 -10.22 3.62 7.21
CA THR A 201 -9.12 4.57 7.31
C THR A 201 -9.03 5.49 6.10
N TRP A 202 -9.06 4.92 4.90
CA TRP A 202 -8.78 5.65 3.67
C TRP A 202 -9.99 5.82 2.79
N GLY A 203 -11.15 5.29 3.18
CA GLY A 203 -12.36 5.37 2.39
C GLY A 203 -13.36 6.35 2.98
N ARG A 204 -14.52 6.39 2.33
CA ARG A 204 -15.64 7.23 2.75
C ARG A 204 -16.85 6.30 2.86
N PRO A 205 -16.88 5.44 3.88
CA PRO A 205 -18.03 4.55 4.06
C PRO A 205 -19.34 5.31 4.10
N THR A 206 -20.35 4.74 3.45
CA THR A 206 -21.68 5.31 3.48
C THR A 206 -22.27 5.14 4.87
N LEU A 207 -23.42 5.80 5.07
CA LEU A 207 -24.08 5.79 6.37
C LEU A 207 -24.38 4.37 6.82
N GLU A 208 -24.88 3.54 5.91
CA GLU A 208 -25.23 2.16 6.24
C GLU A 208 -24.01 1.36 6.68
N GLN A 209 -22.87 1.55 6.01
CA GLN A 209 -21.71 0.72 6.29
C GLN A 209 -20.94 1.12 7.53
N GLN A 210 -21.02 2.39 7.93
CA GLN A 210 -20.13 2.91 8.97
C GLN A 210 -20.20 2.05 10.23
N LEU A 211 -21.40 1.60 10.60
CA LEU A 211 -21.51 0.75 11.77
C LEU A 211 -20.85 -0.60 11.54
N GLU A 212 -21.16 -1.25 10.41
CA GLU A 212 -20.54 -2.53 10.09
C GLU A 212 -19.02 -2.42 10.08
N VAL A 213 -18.51 -1.36 9.45
CA VAL A 213 -17.06 -1.17 9.38
C VAL A 213 -16.49 -1.01 10.79
N ALA A 214 -17.17 -0.24 11.64
CA ALA A 214 -16.72 -0.08 13.02
C ALA A 214 -16.69 -1.41 13.74
N GLU A 215 -17.78 -2.18 13.67
CA GLU A 215 -17.78 -3.55 14.16
C GLU A 215 -16.59 -4.33 13.62
N GLY A 216 -16.40 -4.32 12.30
CA GLY A 216 -15.29 -5.05 11.70
C GLY A 216 -13.95 -4.60 12.24
N VAL A 217 -13.72 -3.29 12.27
CA VAL A 217 -12.48 -2.75 12.83
C VAL A 217 -12.34 -3.15 14.29
N GLY A 218 -13.41 -3.05 15.07
CA GLY A 218 -13.33 -3.41 16.48
C GLY A 218 -12.96 -4.86 16.66
N GLN A 219 -13.65 -5.76 15.96
CA GLN A 219 -13.33 -7.17 16.05
C GLN A 219 -11.89 -7.44 15.63
N PHE A 220 -11.48 -6.83 14.52
CA PHE A 220 -10.07 -6.89 14.10
C PHE A 220 -9.12 -6.57 15.26
N TRP A 221 -9.38 -5.49 15.98
CA TRP A 221 -8.57 -5.16 17.15
C TRP A 221 -8.62 -6.29 18.17
N GLU A 222 -9.82 -6.77 18.49
CA GLU A 222 -9.95 -7.85 19.45
C GLU A 222 -9.23 -9.11 18.99
N TYR A 223 -9.38 -9.45 17.70
CA TYR A 223 -8.69 -10.62 17.16
C TYR A 223 -7.18 -10.53 17.36
N SER A 224 -6.57 -9.41 16.93
CA SER A 224 -5.14 -9.16 17.06
C SER A 224 -4.73 -9.26 18.52
N GLY A 225 -5.60 -8.86 19.43
CA GLY A 225 -5.31 -9.05 20.84
C GLY A 225 -5.12 -10.51 21.21
N ARG A 226 -6.13 -11.34 20.90
CA ARG A 226 -6.06 -12.76 21.21
C ARG A 226 -4.82 -13.40 20.58
N VAL A 227 -4.49 -13.00 19.34
CA VAL A 227 -3.32 -13.55 18.65
C VAL A 227 -2.05 -13.18 19.40
N LEU A 228 -1.84 -11.88 19.64
CA LEU A 228 -0.66 -11.40 20.32
C LEU A 228 -0.51 -12.05 21.69
N GLU A 229 -1.63 -12.43 22.30
CA GLU A 229 -1.58 -13.06 23.61
C GLU A 229 -1.06 -14.48 23.51
N LYS A 230 -1.53 -15.24 22.52
CA LYS A 230 -1.04 -16.59 22.33
C LYS A 230 0.42 -16.60 21.92
N MET A 231 0.81 -15.72 21.01
CA MET A 231 2.21 -15.67 20.62
C MET A 231 3.09 -15.27 21.79
N LYS A 232 2.62 -14.31 22.61
CA LYS A 232 3.33 -13.93 23.82
C LYS A 232 3.66 -15.17 24.66
N ASN A 233 2.76 -16.16 24.63
CA ASN A 233 2.89 -17.36 25.44
C ASN A 233 3.72 -18.44 24.78
N ASN A 234 4.04 -18.30 23.50
CA ASN A 234 4.92 -19.25 22.82
C ASN A 234 6.21 -18.57 22.39
N PRO A 235 7.20 -18.45 23.29
CA PRO A 235 8.50 -17.89 22.89
C PRO A 235 9.33 -18.81 21.99
N GLU A 236 8.92 -20.06 21.75
CA GLU A 236 9.53 -20.85 20.68
C GLU A 236 9.40 -20.16 19.33
N GLY A 237 8.43 -19.26 19.17
CA GLY A 237 7.99 -18.89 17.84
C GLY A 237 9.06 -18.18 17.03
N LYS A 238 8.96 -18.38 15.72
CA LYS A 238 9.74 -17.60 14.76
C LYS A 238 8.76 -16.83 13.87
N GLY A 239 9.14 -15.60 13.53
CA GLY A 239 8.37 -14.71 12.69
C GLY A 239 8.62 -13.30 13.18
N TRP A 240 8.33 -12.33 12.31
CA TRP A 240 8.65 -10.95 12.67
C TRP A 240 7.92 -10.49 13.93
N MET A 241 6.67 -10.93 14.12
CA MET A 241 5.96 -10.51 15.33
C MET A 241 6.60 -11.10 16.58
N TYR A 242 7.08 -12.35 16.49
CA TYR A 242 7.85 -12.91 17.61
C TYR A 242 9.11 -12.10 17.89
N ASP A 243 9.72 -11.53 16.86
CA ASP A 243 10.87 -10.67 17.09
C ASP A 243 10.46 -9.45 17.92
N MET A 244 9.38 -8.78 17.53
CA MET A 244 8.93 -7.62 18.29
C MET A 244 8.62 -8.00 19.73
N ILE A 245 7.81 -9.06 19.92
CA ILE A 245 7.47 -9.54 21.26
C ILE A 245 8.73 -9.72 22.09
N ALA A 246 9.74 -10.38 21.50
CA ALA A 246 11.03 -10.55 22.15
C ALA A 246 11.68 -9.21 22.47
N LYS A 247 11.76 -8.30 21.50
CA LYS A 247 12.37 -7.00 21.75
C LYS A 247 11.60 -6.23 22.82
N ASN A 248 10.30 -6.50 22.95
CA ASN A 248 9.51 -5.83 23.97
C ASN A 248 9.91 -6.29 25.36
N ARG A 249 10.28 -7.56 25.50
CA ARG A 249 10.76 -8.03 26.80
C ARG A 249 12.07 -7.36 27.18
N VAL A 250 12.89 -6.98 26.19
CA VAL A 250 14.20 -6.40 26.48
C VAL A 250 14.12 -4.89 26.59
N MET A 251 13.46 -4.23 25.63
CA MET A 251 13.31 -2.77 25.61
C MET A 251 11.84 -2.41 25.57
N PRO A 252 11.11 -2.62 26.68
CA PRO A 252 9.69 -2.26 26.69
C PRO A 252 9.44 -0.77 26.62
N GLU A 253 10.47 0.03 26.92
CA GLU A 253 10.43 1.46 26.64
C GLU A 253 10.11 1.72 25.17
N VAL A 254 10.83 1.06 24.26
CA VAL A 254 10.84 1.41 22.84
C VAL A 254 9.78 0.61 22.11
N VAL A 255 9.88 -0.71 22.22
CA VAL A 255 8.94 -1.63 21.61
C VAL A 255 7.87 -1.87 22.67
N THR A 256 6.89 -0.98 22.71
CA THR A 256 5.90 -0.88 23.78
C THR A 256 4.78 -1.90 23.59
N ASP A 257 4.02 -2.11 24.67
CA ASP A 257 2.93 -3.07 24.59
C ASP A 257 1.83 -2.60 23.65
N ASN A 258 1.51 -1.31 23.69
CA ASN A 258 0.54 -0.80 22.72
C ASN A 258 1.07 -0.90 21.30
N TYR A 259 2.36 -0.61 21.11
CA TYR A 259 2.94 -0.80 19.79
C TYR A 259 2.75 -2.23 19.33
N LEU A 260 2.90 -3.19 20.25
CA LEU A 260 2.71 -4.59 19.87
C LEU A 260 1.31 -4.81 19.35
N HIS A 261 0.31 -4.34 20.09
CA HIS A 261 -1.07 -4.56 19.69
C HIS A 261 -1.41 -3.76 18.45
N SER A 262 -0.96 -2.50 18.39
CA SER A 262 -1.24 -1.68 17.22
C SER A 262 -0.55 -2.22 15.97
N MET A 263 0.73 -2.60 16.09
CA MET A 263 1.44 -3.12 14.93
C MET A 263 0.83 -4.44 14.47
N MET A 264 0.43 -5.30 15.40
CA MET A 264 -0.23 -6.54 15.04
C MET A 264 -1.32 -6.28 14.01
N MET A 265 -2.27 -5.40 14.35
CA MET A 265 -3.41 -5.16 13.47
C MET A 265 -2.99 -4.45 12.19
N ALA A 266 -2.16 -3.42 12.31
CA ALA A 266 -1.75 -2.68 11.13
C ALA A 266 -0.93 -3.56 10.18
N ILE A 267 0.03 -4.29 10.74
CA ILE A 267 0.94 -5.07 9.89
C ILE A 267 0.21 -6.25 9.25
N MET A 268 -0.87 -6.73 9.87
CA MET A 268 -1.62 -7.83 9.28
C MET A 268 -2.46 -7.42 8.10
N VAL A 269 -2.49 -6.14 7.76
CA VAL A 269 -2.99 -5.68 6.48
C VAL A 269 -1.85 -5.25 5.56
N ALA A 270 -0.87 -4.52 6.10
CA ALA A 270 0.18 -3.94 5.29
C ALA A 270 1.17 -4.97 4.74
N ALA A 271 1.36 -6.11 5.42
CA ALA A 271 2.31 -7.11 4.95
C ALA A 271 1.82 -7.87 3.71
N HIS A 272 0.63 -7.57 3.20
CA HIS A 272 0.19 -8.35 2.05
C HIS A 272 -0.70 -7.56 1.10
N GLU A 273 -1.55 -6.68 1.63
CA GLU A 273 -2.58 -6.07 0.78
C GLU A 273 -1.97 -5.23 -0.33
N THR A 274 -0.95 -4.41 -0.03
CA THR A 274 -0.33 -3.62 -1.09
C THR A 274 0.41 -4.50 -2.11
N THR A 275 0.97 -5.64 -1.66
CA THR A 275 1.59 -6.60 -2.57
C THR A 275 0.56 -7.23 -3.51
N ALA A 276 -0.65 -7.52 -3.02
CA ALA A 276 -1.65 -8.11 -3.89
C ALA A 276 -2.17 -7.09 -4.90
N LEU A 277 -2.49 -5.86 -4.42
CA LEU A 277 -2.93 -4.83 -5.35
C LEU A 277 -1.87 -4.57 -6.42
N ALA A 278 -0.60 -4.45 -6.01
CA ALA A 278 0.47 -4.11 -6.94
C ALA A 278 0.67 -5.22 -7.97
N SER A 279 0.59 -6.49 -7.54
CA SER A 279 0.70 -7.62 -8.45
C SER A 279 -0.40 -7.65 -9.48
N ALA A 280 -1.62 -7.27 -9.07
CA ALA A 280 -2.70 -7.18 -10.04
C ALA A 280 -2.47 -6.03 -11.01
N ASN A 281 -2.00 -4.88 -10.51
CA ASN A 281 -1.70 -3.75 -11.39
C ASN A 281 -0.65 -4.12 -12.42
N ALA A 282 0.42 -4.78 -11.98
CA ALA A 282 1.52 -5.11 -12.88
C ALA A 282 1.08 -6.07 -13.97
N LEU A 283 0.36 -7.13 -13.59
CA LEU A 283 -0.14 -8.08 -14.57
C LEU A 283 -1.12 -7.41 -15.53
N LYS A 284 -2.00 -6.55 -14.99
CA LYS A 284 -2.90 -5.79 -15.86
C LYS A 284 -2.12 -4.94 -16.88
N LEU A 285 -1.09 -4.25 -16.41
CA LEU A 285 -0.26 -3.42 -17.28
C LEU A 285 0.43 -4.25 -18.35
N LEU A 286 1.15 -5.30 -17.94
CA LEU A 286 1.99 -6.04 -18.87
C LEU A 286 1.18 -6.93 -19.80
N LEU A 287 0.04 -7.46 -19.34
CA LEU A 287 -0.79 -8.31 -20.20
C LEU A 287 -1.49 -7.50 -21.27
N ALA A 288 -1.54 -6.18 -21.12
CA ALA A 288 -2.22 -5.33 -22.09
C ALA A 288 -1.29 -4.85 -23.19
N ASP A 289 0.02 -4.81 -22.95
CA ASP A 289 1.03 -4.43 -23.93
C ASP A 289 1.67 -5.73 -24.44
N ARG A 290 1.10 -6.28 -25.51
CA ARG A 290 1.53 -7.60 -25.99
C ARG A 290 2.99 -7.59 -26.41
N LYS A 291 3.46 -6.47 -26.96
CA LYS A 291 4.88 -6.34 -27.27
C LYS A 291 5.70 -6.48 -25.99
N VAL A 292 5.27 -5.82 -24.92
CA VAL A 292 5.99 -5.92 -23.64
C VAL A 292 5.93 -7.34 -23.09
N TRP A 293 4.78 -8.02 -23.27
CA TRP A 293 4.59 -9.31 -22.63
C TRP A 293 5.48 -10.38 -23.25
N LYS A 294 5.57 -10.41 -24.58
CA LYS A 294 6.43 -11.43 -25.17
C LYS A 294 7.89 -11.09 -24.95
N LYS A 295 8.24 -9.82 -24.79
CA LYS A 295 9.56 -9.48 -24.32
C LYS A 295 9.83 -10.10 -22.94
N ILE A 296 8.83 -10.03 -22.04
CA ILE A 296 8.91 -10.72 -20.74
C ILE A 296 8.96 -12.24 -20.95
N CYS A 297 8.05 -12.78 -21.77
CA CYS A 297 8.07 -14.21 -22.05
C CYS A 297 9.42 -14.66 -22.60
N ASP A 298 9.99 -13.87 -23.51
CA ASP A 298 11.25 -14.25 -24.14
C ASP A 298 12.46 -13.90 -23.29
N ASN A 299 12.35 -12.94 -22.38
CA ASN A 299 13.47 -12.53 -21.54
C ASN A 299 13.05 -12.28 -20.09
N PRO A 300 12.87 -13.35 -19.32
CA PRO A 300 12.46 -13.15 -17.91
C PRO A 300 13.51 -12.40 -17.09
N GLN A 301 14.78 -12.36 -17.52
CA GLN A 301 15.73 -11.40 -16.94
C GLN A 301 15.12 -10.01 -16.80
N LEU A 302 14.26 -9.59 -17.73
CA LEU A 302 13.69 -8.25 -17.66
C LEU A 302 12.65 -8.07 -16.57
N ILE A 303 12.20 -9.16 -15.94
CA ILE A 303 11.04 -9.05 -15.05
C ILE A 303 11.28 -8.10 -13.89
N PRO A 304 12.39 -8.16 -13.13
CA PRO A 304 12.56 -7.20 -12.03
C PRO A 304 12.48 -5.76 -12.47
N GLY A 305 13.20 -5.37 -13.52
CA GLY A 305 13.13 -4.01 -14.03
C GLY A 305 11.73 -3.66 -14.52
N ALA A 306 11.02 -4.64 -15.06
CA ALA A 306 9.61 -4.46 -15.41
C ALA A 306 8.75 -4.24 -14.17
N VAL A 307 8.99 -5.02 -13.11
CA VAL A 307 8.22 -4.85 -11.87
C VAL A 307 8.43 -3.44 -11.33
N GLU A 308 9.67 -2.96 -11.37
CA GLU A 308 9.94 -1.61 -10.90
C GLU A 308 9.20 -0.56 -11.74
N GLU A 309 9.15 -0.75 -13.06
CA GLU A 309 8.43 0.22 -13.89
C GLU A 309 6.91 0.15 -13.65
N CYS A 310 6.39 -1.02 -13.29
CA CYS A 310 4.99 -1.14 -12.87
C CYS A 310 4.71 -0.43 -11.57
N LEU A 311 5.61 -0.60 -10.60
CA LEU A 311 5.49 0.10 -9.32
C LEU A 311 5.52 1.62 -9.50
N ARG A 312 6.35 2.11 -10.43
CA ARG A 312 6.33 3.53 -10.74
C ARG A 312 5.03 3.90 -11.43
N HIS A 313 4.64 3.12 -12.44
CA HIS A 313 3.59 3.57 -13.36
C HIS A 313 2.20 3.43 -12.74
N SER A 314 1.95 2.28 -12.13
CA SER A 314 0.67 1.94 -11.51
C SER A 314 0.93 1.16 -10.23
N GLY A 315 1.57 1.84 -9.28
CA GLY A 315 1.79 1.25 -7.97
C GLY A 315 0.50 1.12 -7.16
N SER A 316 0.60 0.37 -6.08
CA SER A 316 -0.56 0.07 -5.24
C SER A 316 -0.80 1.11 -4.16
N VAL A 317 0.22 1.89 -3.79
CA VAL A 317 0.03 3.11 -3.01
C VAL A 317 0.11 4.30 -3.96
N VAL A 318 -0.99 5.05 -4.05
CA VAL A 318 -1.07 6.20 -4.95
C VAL A 318 -1.01 7.53 -4.22
N ALA A 319 -1.21 7.54 -2.89
CA ALA A 319 -1.17 8.77 -2.10
C ALA A 319 -0.91 8.41 -0.64
N TRP A 320 0.04 9.08 -0.02
CA TRP A 320 0.34 8.91 1.40
C TRP A 320 0.24 10.29 2.08
N ARG A 321 0.34 10.33 3.40
CA ARG A 321 -0.05 11.52 4.13
C ARG A 321 1.02 11.99 5.11
N ARG A 322 1.06 13.29 5.34
CA ARG A 322 1.94 13.90 6.31
C ARG A 322 1.16 14.96 7.07
N GLN A 323 1.63 15.28 8.27
CA GLN A 323 1.07 16.39 9.04
C GLN A 323 2.19 17.36 9.38
N VAL A 324 1.89 18.63 9.29
CA VAL A 324 2.88 19.69 9.49
C VAL A 324 2.93 20.05 10.98
N THR A 325 4.15 20.09 11.51
CA THR A 325 4.40 20.27 12.94
C THR A 325 4.86 21.68 13.31
N THR A 326 5.53 22.38 12.40
CA THR A 326 5.83 23.80 12.55
C THR A 326 5.61 24.46 11.20
N GLU A 327 5.36 25.76 11.20
CA GLU A 327 5.16 26.38 9.89
C GLU A 327 6.43 26.22 9.06
N SER A 328 6.22 26.16 7.75
CA SER A 328 7.20 25.65 6.81
C SER A 328 6.74 26.07 5.43
N GLU A 329 7.61 25.91 4.45
CA GLU A 329 7.14 26.15 3.10
C GLU A 329 7.83 25.21 2.13
N VAL A 330 7.10 24.88 1.06
CA VAL A 330 7.56 24.01 0.00
C VAL A 330 7.17 24.70 -1.31
N SER A 331 8.16 24.92 -2.18
CA SER A 331 7.95 25.52 -3.50
C SER A 331 6.96 26.70 -3.47
N GLY A 332 7.20 27.63 -2.54
CA GLY A 332 6.43 28.86 -2.54
C GLY A 332 5.09 28.82 -1.85
N VAL A 333 4.80 27.75 -1.11
CA VAL A 333 3.53 27.60 -0.38
C VAL A 333 3.85 27.37 1.09
N LYS A 334 3.28 28.19 1.98
CA LYS A 334 3.56 28.07 3.40
C LYS A 334 2.49 27.22 4.08
N PHE A 335 2.92 26.36 5.00
CA PHE A 335 2.05 25.43 5.71
C PHE A 335 1.99 25.81 7.19
N ARG A 336 0.80 25.76 7.78
CA ARG A 336 0.66 26.02 9.19
C ARG A 336 0.79 24.73 9.97
N LYS A 337 1.40 24.84 11.15
CA LYS A 337 1.40 23.75 12.13
C LYS A 337 0.01 23.13 12.22
N GLY A 338 -0.06 21.83 11.90
CA GLY A 338 -1.33 21.13 11.88
C GLY A 338 -1.96 20.95 10.51
N ASP A 339 -1.41 21.58 9.47
CA ASP A 339 -1.89 21.33 8.12
C ASP A 339 -1.64 19.87 7.74
N LYS A 340 -2.62 19.25 7.10
CA LYS A 340 -2.50 17.89 6.62
C LYS A 340 -2.19 17.89 5.13
N LEU A 341 -1.26 17.03 4.72
CA LEU A 341 -0.79 16.96 3.35
C LEU A 341 -1.06 15.57 2.75
N PHE A 342 -1.57 15.56 1.53
CA PHE A 342 -1.58 14.35 0.69
C PHE A 342 -0.37 14.41 -0.23
N LEU A 343 0.53 13.45 -0.08
CA LEU A 343 1.66 13.28 -0.99
C LEU A 343 1.21 12.32 -2.07
N VAL A 344 0.80 12.83 -3.25
CA VAL A 344 0.20 11.96 -4.26
C VAL A 344 1.32 11.32 -5.09
N SER A 345 1.81 10.18 -4.59
CA SER A 345 2.98 9.55 -5.20
C SER A 345 2.69 9.02 -6.61
N ALA A 346 1.46 8.59 -6.90
CA ALA A 346 1.10 8.30 -8.29
C ALA A 346 1.37 9.51 -9.18
N SER A 347 1.04 10.71 -8.70
CA SER A 347 1.27 11.92 -9.48
C SER A 347 2.75 12.20 -9.63
N ALA A 348 3.51 12.03 -8.54
CA ALA A 348 4.94 12.30 -8.58
C ALA A 348 5.64 11.35 -9.53
N ASN A 349 5.15 10.11 -9.60
CA ASN A 349 5.72 9.09 -10.47
C ASN A 349 5.37 9.32 -11.93
N HIS A 350 4.39 10.20 -12.20
CA HIS A 350 4.08 10.59 -13.57
C HIS A 350 4.51 12.02 -13.85
N ASP A 351 5.42 12.55 -13.03
CA ASP A 351 5.93 13.90 -13.18
C ASP A 351 6.86 13.97 -14.38
N GLU A 352 6.40 14.65 -15.44
CA GLU A 352 7.20 14.79 -16.63
C GLU A 352 8.55 15.44 -16.35
N LEU A 353 8.63 16.22 -15.27
CA LEU A 353 9.89 16.86 -14.89
C LEU A 353 10.93 15.84 -14.45
N HIS A 354 10.54 14.60 -14.14
CA HIS A 354 11.53 13.65 -13.63
C HIS A 354 11.60 12.36 -14.43
N PHE A 355 10.50 11.98 -15.07
CA PHE A 355 10.41 10.77 -15.87
C PHE A 355 10.01 11.19 -17.27
N GLU A 356 10.90 10.96 -18.24
CA GLU A 356 10.58 11.30 -19.61
C GLU A 356 9.50 10.35 -20.13
N ASN A 357 8.56 10.90 -20.88
CA ASN A 357 7.37 10.17 -21.30
C ASN A 357 6.81 9.37 -20.13
N ALA A 358 6.42 10.13 -19.10
CA ALA A 358 6.09 9.56 -17.80
C ALA A 358 4.88 8.66 -17.85
N ASP A 359 3.94 8.95 -18.74
CA ASP A 359 2.74 8.12 -18.77
C ASP A 359 2.95 6.82 -19.53
N GLU A 360 4.11 6.63 -20.13
CA GLU A 360 4.38 5.45 -20.93
C GLU A 360 5.05 4.35 -20.11
N LEU A 361 4.72 3.10 -20.46
CA LEU A 361 5.26 1.92 -19.80
C LEU A 361 6.52 1.49 -20.54
N ASP A 362 7.66 1.94 -20.05
CA ASP A 362 8.97 1.62 -20.61
C ASP A 362 9.67 0.67 -19.63
N ILE A 363 9.78 -0.62 -19.99
CA ILE A 363 10.21 -1.58 -18.97
C ILE A 363 11.69 -1.51 -18.69
N TYR A 364 12.48 -0.78 -19.48
CA TYR A 364 13.74 -0.34 -18.89
C TYR A 364 13.91 1.15 -19.03
N ARG A 365 12.98 1.89 -18.43
CA ARG A 365 13.33 3.19 -17.89
C ARG A 365 14.47 3.01 -16.90
N ASP A 366 15.56 3.73 -17.12
CA ASP A 366 16.74 3.48 -16.30
C ASP A 366 16.56 3.99 -14.89
N ASN A 367 15.69 4.98 -14.69
CA ASN A 367 15.48 5.52 -13.36
C ASN A 367 14.10 5.13 -12.80
N ALA A 368 13.53 4.04 -13.29
CA ALA A 368 12.26 3.54 -12.75
C ALA A 368 12.30 3.37 -11.23
N ILE A 369 13.45 2.95 -10.70
CA ILE A 369 13.60 2.70 -9.27
C ILE A 369 13.53 3.99 -8.45
N GLU A 370 13.74 5.15 -9.07
CA GLU A 370 13.60 6.40 -8.33
C GLU A 370 12.14 6.74 -7.98
N HIS A 371 11.18 5.88 -8.36
CA HIS A 371 9.77 6.12 -8.05
C HIS A 371 9.56 6.24 -6.53
N LEU A 372 8.40 6.75 -6.14
CA LEU A 372 8.11 7.02 -4.73
C LEU A 372 7.00 6.15 -4.15
N THR A 373 6.62 5.06 -4.84
CA THR A 373 5.57 4.18 -4.35
C THR A 373 5.94 3.57 -2.99
N PHE A 374 7.22 3.40 -2.71
CA PHE A 374 7.64 2.87 -1.41
C PHE A 374 7.96 3.95 -0.39
N GLY A 375 7.70 5.21 -0.74
CA GLY A 375 8.17 6.32 0.04
C GLY A 375 9.65 6.59 -0.19
N TYR A 376 10.19 7.44 0.68
CA TYR A 376 11.58 7.87 0.59
C TYR A 376 12.01 8.30 2.00
N GLY A 377 13.25 7.96 2.35
CA GLY A 377 13.79 8.40 3.62
C GLY A 377 13.43 7.57 4.84
N ALA A 378 13.02 8.25 5.91
CA ALA A 378 13.00 7.63 7.23
C ALA A 378 12.03 6.46 7.28
N HIS A 379 10.83 6.62 6.72
CA HIS A 379 9.76 5.63 6.79
C HIS A 379 9.69 4.77 5.53
N GLN A 380 10.70 4.84 4.66
CA GLN A 380 10.67 4.07 3.42
C GLN A 380 10.38 2.60 3.69
N CYS A 381 9.51 2.03 2.86
CA CYS A 381 8.88 0.75 3.14
C CYS A 381 9.89 -0.33 3.50
N MET A 382 9.70 -0.96 4.65
CA MET A 382 10.64 -2.00 5.07
C MET A 382 10.46 -3.31 4.33
N GLY A 383 9.28 -3.53 3.74
CA GLY A 383 8.99 -4.78 3.08
C GLY A 383 9.03 -4.67 1.57
N LYS A 384 9.65 -3.58 1.06
CA LYS A 384 9.68 -3.35 -0.38
C LYS A 384 10.26 -4.57 -1.12
N ASN A 385 11.27 -5.24 -0.54
CA ASN A 385 11.81 -6.35 -1.31
C ASN A 385 10.95 -7.60 -1.22
N ILE A 386 10.19 -7.77 -0.14
CA ILE A 386 9.21 -8.85 -0.14
C ILE A 386 8.17 -8.59 -1.23
N GLY A 387 7.67 -7.35 -1.30
CA GLY A 387 6.73 -7.00 -2.35
C GLY A 387 7.28 -7.24 -3.75
N ARG A 388 8.55 -6.87 -3.98
CA ARG A 388 9.16 -7.04 -5.30
C ARG A 388 9.30 -8.51 -5.62
N MET A 389 9.78 -9.27 -4.64
CA MET A 389 9.98 -10.70 -4.81
C MET A 389 8.66 -11.38 -5.19
N GLU A 390 7.55 -11.04 -4.52
CA GLU A 390 6.30 -11.74 -4.85
C GLU A 390 5.81 -11.37 -6.23
N MET A 391 6.01 -10.12 -6.64
CA MET A 391 5.58 -9.70 -7.98
C MET A 391 6.37 -10.40 -9.08
N CYS A 392 7.70 -10.52 -8.94
CA CYS A 392 8.48 -11.25 -9.94
C CYS A 392 8.04 -12.70 -10.08
N ILE A 393 7.91 -13.43 -8.97
CA ILE A 393 7.54 -14.84 -9.06
C ILE A 393 6.18 -15.00 -9.74
N PHE A 394 5.21 -14.16 -9.37
CA PHE A 394 3.92 -14.20 -10.06
C PHE A 394 4.12 -14.11 -11.57
N ILE A 395 4.81 -13.06 -12.00
CA ILE A 395 4.95 -12.80 -13.44
C ILE A 395 5.82 -13.87 -14.10
N GLU A 396 6.92 -14.28 -13.45
CA GLU A 396 7.75 -15.33 -14.01
C GLU A 396 6.93 -16.59 -14.24
N GLU A 397 6.21 -17.04 -13.19
CA GLU A 397 5.44 -18.27 -13.30
C GLU A 397 4.43 -18.18 -14.43
N LEU A 398 3.67 -17.07 -14.47
CA LEU A 398 2.62 -16.91 -15.46
C LEU A 398 3.18 -16.79 -16.87
N SER A 399 4.21 -15.97 -17.07
CA SER A 399 4.75 -15.79 -18.41
C SER A 399 5.51 -17.01 -18.87
N ARG A 400 6.01 -17.82 -17.94
CA ARG A 400 6.70 -19.05 -18.30
C ARG A 400 5.73 -20.11 -18.80
N ARG A 401 4.65 -20.31 -18.06
CA ARG A 401 3.77 -21.43 -18.31
C ARG A 401 2.53 -21.08 -19.11
N ILE A 402 2.16 -19.80 -19.17
CA ILE A 402 1.04 -19.38 -20.01
C ILE A 402 1.49 -18.20 -20.84
N PRO A 403 2.38 -18.38 -21.82
CA PRO A 403 2.85 -17.23 -22.59
C PRO A 403 1.79 -16.59 -23.49
N ASP A 404 0.69 -17.29 -23.79
CA ASP A 404 -0.40 -16.68 -24.53
C ASP A 404 -1.43 -16.00 -23.62
N LEU A 405 -1.12 -15.85 -22.33
CA LEU A 405 -1.98 -15.15 -21.40
C LEU A 405 -2.37 -13.79 -21.95
N LYS A 406 -3.68 -13.49 -21.90
CA LYS A 406 -4.19 -12.18 -22.30
C LYS A 406 -5.33 -11.76 -21.39
N LEU A 407 -5.54 -10.45 -21.27
CA LEU A 407 -6.68 -9.96 -20.52
C LEU A 407 -7.97 -10.23 -21.28
N CYS A 408 -9.02 -10.65 -20.57
CA CYS A 408 -10.34 -10.64 -21.17
C CYS A 408 -10.91 -9.22 -21.21
N GLU A 409 -11.85 -9.00 -22.12
CA GLU A 409 -12.66 -7.78 -22.08
C GLU A 409 -13.42 -7.76 -20.77
N GLN A 410 -13.30 -6.68 -20.02
CA GLN A 410 -13.93 -6.59 -18.71
C GLN A 410 -13.98 -5.14 -18.28
N GLU A 411 -14.95 -4.83 -17.44
CA GLU A 411 -14.91 -3.59 -16.67
C GLU A 411 -14.07 -3.82 -15.43
N PHE A 412 -13.19 -2.85 -15.13
CA PHE A 412 -12.38 -2.90 -13.92
C PHE A 412 -12.96 -1.98 -12.86
N THR A 413 -13.11 -2.50 -11.65
CA THR A 413 -13.63 -1.72 -10.54
C THR A 413 -12.54 -1.57 -9.47
N TYR A 414 -12.60 -0.46 -8.73
CA TYR A 414 -11.63 -0.16 -7.67
C TYR A 414 -12.36 0.22 -6.41
N LEU A 415 -11.97 -0.41 -5.30
CA LEU A 415 -12.43 0.02 -3.97
C LEU A 415 -12.13 1.50 -3.78
N ALA A 416 -13.18 2.30 -3.57
CA ALA A 416 -13.03 3.74 -3.53
C ALA A 416 -12.32 4.14 -2.24
N ASN A 417 -11.10 4.63 -2.36
CA ASN A 417 -10.33 5.12 -1.23
C ASN A 417 -9.29 6.07 -1.80
N THR A 418 -8.50 6.69 -0.91
CA THR A 418 -7.58 7.73 -1.36
C THR A 418 -6.19 7.23 -1.68
N SER A 419 -5.77 6.11 -1.10
CA SER A 419 -4.36 5.77 -0.99
C SER A 419 -3.97 4.46 -1.66
N PHE A 420 -4.86 3.48 -1.68
CA PHE A 420 -4.54 2.19 -2.25
C PHE A 420 -5.32 1.98 -3.54
N ARG A 421 -4.74 1.21 -4.45
CA ARG A 421 -5.28 1.09 -5.80
C ARG A 421 -4.91 -0.26 -6.42
N GLY A 422 -5.94 -1.03 -6.77
CA GLY A 422 -5.78 -2.22 -7.57
C GLY A 422 -7.15 -2.70 -7.98
N PRO A 423 -7.23 -3.41 -9.10
CA PRO A 423 -8.53 -3.87 -9.59
C PRO A 423 -9.05 -5.02 -8.74
N GLU A 424 -10.38 -5.04 -8.54
CA GLU A 424 -10.97 -6.10 -7.71
C GLU A 424 -10.91 -7.45 -8.39
N ALA A 425 -11.05 -7.48 -9.71
CA ALA A 425 -10.92 -8.69 -10.49
C ALA A 425 -9.87 -8.48 -11.58
N LEU A 426 -9.29 -9.59 -12.05
CA LEU A 426 -8.34 -9.59 -13.16
C LEU A 426 -8.68 -10.79 -14.06
N TRP A 427 -9.67 -10.63 -14.93
CA TRP A 427 -10.13 -11.73 -15.76
C TRP A 427 -9.23 -11.90 -16.98
N THR A 428 -8.94 -13.16 -17.30
CA THR A 428 -7.77 -13.49 -18.08
C THR A 428 -7.95 -14.87 -18.70
N GLU A 429 -7.41 -15.06 -19.92
CA GLU A 429 -7.70 -16.25 -20.70
C GLU A 429 -6.48 -16.72 -21.48
N TRP A 430 -6.55 -17.97 -21.96
CA TRP A 430 -5.44 -18.60 -22.70
C TRP A 430 -5.92 -19.90 -23.34
N GLN A 431 -4.96 -20.69 -23.82
CA GLN A 431 -5.22 -22.00 -24.43
C GLN A 431 -5.92 -22.98 -23.49
CHA HEM B . 6.18 1.72 4.89
CHB HEM B . 4.25 0.97 0.48
CHC HEM B . 4.57 -3.87 1.06
CHD HEM B . 6.04 -3.06 5.62
C1A HEM B . 5.62 1.95 3.66
C2A HEM B . 5.28 3.24 3.07
C3A HEM B . 4.76 3.03 1.88
C4A HEM B . 4.72 1.60 1.62
CMA HEM B . 4.27 4.15 0.92
CAA HEM B . 5.52 4.62 3.72
CBA HEM B . 6.81 5.17 3.14
CGA HEM B . 7.18 6.48 3.76
O1A HEM B . 6.42 7.00 4.62
O2A HEM B . 8.25 7.02 3.39
C1B HEM B . 4.26 -0.39 0.22
C2B HEM B . 3.96 -1.00 -1.06
C3B HEM B . 4.03 -2.34 -0.90
C4B HEM B . 4.38 -2.61 0.49
CMB HEM B . 3.63 -0.19 -2.34
CAB HEM B . 3.86 -3.48 -1.93
CBB HEM B . 3.78 -3.31 -3.25
C1C HEM B . 4.99 -4.08 2.36
C2C HEM B . 5.21 -5.36 3.02
C3C HEM B . 5.61 -5.10 4.29
C4C HEM B . 5.67 -3.68 4.45
CMC HEM B . 4.98 -6.72 2.35
CAC HEM B . 5.99 -6.04 5.46
CBC HEM B . 5.91 -7.37 5.38
C1D HEM B . 6.18 -1.71 5.84
C2D HEM B . 6.59 -1.10 7.08
C3D HEM B . 6.65 0.21 6.89
C4D HEM B . 6.26 0.49 5.50
CMD HEM B . 6.91 -1.82 8.41
CAD HEM B . 7.01 1.24 7.98
CBD HEM B . 8.51 1.49 8.05
CGD HEM B . 8.77 2.79 8.78
O1D HEM B . 7.78 3.43 9.20
O2D HEM B . 9.94 3.21 8.92
NA HEM B . 5.23 0.98 2.75
NB HEM B . 4.50 -1.40 1.14
NC HEM B . 5.29 -3.08 3.26
ND HEM B . 5.99 -0.71 4.89
FE HEM B . 5.26 -1.09 3.01
N HIS C . -0.79 -0.03 4.85
CA HIS C . 0.19 0.38 3.86
C HIS C . 0.75 -0.82 3.10
O HIS C . 1.68 -0.66 2.30
CB HIS C . 1.33 1.15 4.52
CG HIS C . 1.77 0.59 5.84
ND1 HIS C . 3.09 0.29 6.12
CD2 HIS C . 1.06 0.25 6.94
CE1 HIS C . 3.17 -0.20 7.35
NE2 HIS C . 1.95 -0.24 7.87
OXT HIS C . 0.28 -1.95 3.27
#